data_1D5Z
#
_entry.id   1D5Z
#
_cell.length_a   78.343
_cell.length_b   100.168
_cell.length_c   100.175
_cell.angle_alpha   90.00
_cell.angle_beta   90.00
_cell.angle_gamma   90.00
#
_symmetry.space_group_name_H-M   'P 21 21 21'
#
loop_
_entity.id
_entity.type
_entity.pdbx_description
1 polymer 'PROTEIN (HLA CLASS II HISTOCOMPATIBILITY ANTIGEN)'
2 polymer 'PROTEIN (HLA CLASS II HISTOCOMPATIBILITY ANTIGEN)'
3 polymer 'PROTEIN (ENTEROTOXIN TYPE B)'
4 polymer 'PROTEIN (PEPTIDOMIMETIC INHIBITOR)'
5 water water
#
loop_
_entity_poly.entity_id
_entity_poly.type
_entity_poly.pdbx_seq_one_letter_code
_entity_poly.pdbx_strand_id
1 'polypeptide(L)'
;IKEEHVIIQAEFYLNPDQSGEFMFDFDGDEIFHVDMAKKETVWRLEEFGRFASFEAQGALANIAVDKANLEIMTKRSNYT
PITNVPPEVTVLTNSPVELREPNVLICFIDKFTPPVVNVTWLRNGKPVTTGVSETVFLPREDHLFRKFHYLPFLPSTEDV
YDCRVEHWGLDEPLLKHWEFD
;
A
2 'polypeptide(L)'
;GDTRPRFLEQVKHECHFFNGTERVRFLDRYFYHQEEYVRFDSDVGEYRAVTELGRPDAEYWNSQKDLLEQKRAAVDTYCR
HNYGVGESFTVQRRVYPEVTVYPAKTQPLQHHNLLVCSVNGFYPGSIEVRWFRNGQEEKTGVVSTGLIQNGDWTFQTLVM
LETVPRSGEVYTCQVEHPSLTSPLTVEWRARS
;
B
3 'polypeptide(L)'
;ESQPDPKPDELHKSSKFTGLMENMKVLYDDNHVSAINVKSIDQFLYFDLIYSIKDTKLGNYDNVRVEFKNKDLADKYKDK
YVDVFGANYYYQCYFSKKTNDINSHQTDKRKTCMYGGVTEHNGNQLDKYRSITVRVFEDGKNLLSFDVQTNKKKVTAQEL
DYLTRHYLVKNKKLYEFNNSPYETGYIKFIENENSFWYDMMPAPGDKFDQSKYLMMYNDNKMVDSKDVKIEVYLTTKKK
;
C
4 'polypeptide(L)' (ACE)(ALC)RA(ODA)SL(NH2) D
#
# COMPACT_ATOMS: atom_id res chain seq x y z
N GLU A 3 28.69 1.46 -5.62
CA GLU A 3 27.51 0.83 -4.98
C GLU A 3 27.57 -0.69 -4.96
N GLU A 4 26.84 -1.20 -3.97
CA GLU A 4 26.68 -2.64 -3.71
C GLU A 4 25.18 -2.84 -3.60
N HIS A 5 24.55 -1.87 -2.95
CA HIS A 5 23.12 -1.86 -2.73
C HIS A 5 22.53 -0.46 -2.60
N VAL A 6 21.26 -0.33 -2.99
CA VAL A 6 20.54 0.92 -2.91
C VAL A 6 19.14 0.64 -2.39
N ILE A 7 18.73 1.35 -1.35
CA ILE A 7 17.40 1.18 -0.82
C ILE A 7 16.69 2.50 -1.11
N ILE A 8 15.55 2.42 -1.78
CA ILE A 8 14.82 3.61 -2.10
C ILE A 8 13.39 3.60 -1.60
N GLN A 9 13.00 4.67 -0.92
CA GLN A 9 11.64 4.85 -0.46
C GLN A 9 11.09 5.72 -1.57
N ALA A 10 10.26 5.14 -2.42
CA ALA A 10 9.70 5.88 -3.55
C ALA A 10 8.23 6.12 -3.34
N GLU A 11 7.80 7.33 -3.65
CA GLU A 11 6.41 7.70 -3.48
C GLU A 11 6.00 8.55 -4.66
N PHE A 12 4.70 8.63 -4.88
CA PHE A 12 4.18 9.48 -5.92
C PHE A 12 2.72 9.75 -5.66
N TYR A 13 2.27 10.89 -6.17
CA TYR A 13 0.89 11.27 -6.07
C TYR A 13 0.55 11.78 -7.44
N LEU A 14 -0.59 11.35 -7.96
CA LEU A 14 -1.00 11.76 -9.29
C LEU A 14 -2.36 12.41 -9.32
N ASN A 15 -2.46 13.57 -9.95
CA ASN A 15 -3.75 14.18 -10.08
C ASN A 15 -4.12 13.95 -11.56
N PRO A 16 -5.42 13.92 -11.91
CA PRO A 16 -6.65 14.08 -11.10
C PRO A 16 -7.00 12.73 -10.49
N ASP A 17 -6.27 11.73 -10.92
CA ASP A 17 -6.53 10.37 -10.47
C ASP A 17 -6.64 10.29 -8.95
N GLN A 18 -5.86 11.13 -8.27
CA GLN A 18 -5.88 11.16 -6.81
C GLN A 18 -5.29 9.86 -6.30
N SER A 19 -4.52 9.20 -7.15
CA SER A 19 -3.90 7.95 -6.76
C SER A 19 -2.52 8.23 -6.20
N GLY A 20 -2.09 7.39 -5.28
CA GLY A 20 -0.78 7.57 -4.69
C GLY A 20 -0.12 6.25 -4.43
N GLU A 21 1.15 6.29 -4.10
CA GLU A 21 1.87 5.07 -3.82
C GLU A 21 3.03 5.37 -2.90
N PHE A 22 3.38 4.37 -2.11
CA PHE A 22 4.49 4.48 -1.17
C PHE A 22 5.09 3.10 -1.13
N MET A 23 6.34 2.99 -1.52
CA MET A 23 7.01 1.71 -1.50
C MET A 23 8.48 1.83 -1.22
N PHE A 24 9.07 0.70 -0.88
CA PHE A 24 10.49 0.60 -0.62
C PHE A 24 11.02 -0.34 -1.68
N ASP A 25 12.14 0.06 -2.27
CA ASP A 25 12.77 -0.72 -3.32
C ASP A 25 14.19 -1.04 -2.86
N PHE A 26 14.60 -2.28 -3.10
CA PHE A 26 15.95 -2.72 -2.77
C PHE A 26 16.55 -3.30 -4.05
N ASP A 27 17.60 -2.67 -4.55
CA ASP A 27 18.28 -3.13 -5.76
C ASP A 27 17.29 -3.42 -6.88
N GLY A 28 16.24 -2.61 -6.99
CA GLY A 28 15.27 -2.80 -8.06
C GLY A 28 14.10 -3.68 -7.72
N ASP A 29 14.13 -4.35 -6.58
CA ASP A 29 13.01 -5.20 -6.20
C ASP A 29 12.20 -4.55 -5.08
N GLU A 30 10.89 -4.70 -5.16
CA GLU A 30 10.00 -4.13 -4.16
C GLU A 30 10.03 -4.90 -2.84
N ILE A 31 10.34 -4.19 -1.76
CA ILE A 31 10.34 -4.83 -0.46
C ILE A 31 8.88 -4.85 -0.03
N PHE A 32 8.22 -3.71 -0.11
CA PHE A 32 6.82 -3.61 0.26
C PHE A 32 6.22 -2.33 -0.27
N HIS A 33 4.90 -2.23 -0.21
CA HIS A 33 4.23 -1.00 -0.57
C HIS A 33 3.11 -0.88 0.43
N VAL A 34 2.56 0.32 0.57
CA VAL A 34 1.49 0.53 1.54
C VAL A 34 0.10 0.58 0.92
N ASP A 35 -0.80 -0.25 1.44
CA ASP A 35 -2.18 -0.22 0.98
C ASP A 35 -2.76 0.92 1.83
N MET A 36 -2.94 2.08 1.21
CA MET A 36 -3.44 3.25 1.92
C MET A 36 -4.90 3.18 2.40
N ALA A 37 -5.68 2.27 1.82
CA ALA A 37 -7.07 2.12 2.21
C ALA A 37 -7.19 1.21 3.44
N LYS A 38 -6.54 0.06 3.37
CA LYS A 38 -6.57 -0.89 4.47
C LYS A 38 -5.52 -0.48 5.49
N LYS A 39 -4.68 0.47 5.10
CA LYS A 39 -3.61 0.98 5.96
C LYS A 39 -2.76 -0.18 6.45
N GLU A 40 -2.25 -0.96 5.51
CA GLU A 40 -1.42 -2.09 5.87
C GLU A 40 -0.20 -2.16 4.97
N THR A 41 0.88 -2.70 5.53
CA THR A 41 2.12 -2.87 4.81
C THR A 41 1.96 -4.14 4.00
N VAL A 42 2.15 -4.05 2.69
CA VAL A 42 2.03 -5.20 1.80
C VAL A 42 3.42 -5.65 1.39
N TRP A 43 3.94 -6.65 2.10
CA TRP A 43 5.27 -7.17 1.79
C TRP A 43 5.27 -7.87 0.44
N ARG A 44 6.29 -7.63 -0.38
CA ARG A 44 6.35 -8.24 -1.70
C ARG A 44 6.40 -9.76 -1.58
N LEU A 45 7.16 -10.24 -0.60
CA LEU A 45 7.25 -11.67 -0.32
C LEU A 45 6.76 -11.75 1.12
N GLU A 46 5.77 -12.60 1.37
CA GLU A 46 5.20 -12.76 2.70
C GLU A 46 6.27 -12.90 3.78
N GLU A 47 7.25 -13.76 3.54
CA GLU A 47 8.33 -13.98 4.50
C GLU A 47 8.92 -12.70 5.07
N PHE A 48 8.92 -11.63 4.29
CA PHE A 48 9.47 -10.37 4.74
C PHE A 48 8.79 -9.88 6.03
N GLY A 49 7.49 -10.10 6.13
CA GLY A 49 6.75 -9.66 7.30
C GLY A 49 7.16 -10.33 8.58
N ARG A 50 7.83 -11.48 8.47
CA ARG A 50 8.28 -12.21 9.64
C ARG A 50 9.64 -11.72 10.12
N PHE A 51 10.34 -10.98 9.26
CA PHE A 51 11.68 -10.51 9.59
C PHE A 51 11.76 -9.03 9.90
N ALA A 52 10.78 -8.27 9.41
CA ALA A 52 10.76 -6.84 9.66
C ALA A 52 9.35 -6.31 9.82
N SER A 53 9.24 -5.04 10.17
CA SER A 53 7.93 -4.41 10.33
C SER A 53 8.02 -2.98 9.82
N PHE A 54 6.86 -2.39 9.59
CA PHE A 54 6.75 -1.01 9.13
C PHE A 54 5.36 -0.52 9.44
N GLU A 55 5.28 0.70 9.97
CA GLU A 55 3.98 1.28 10.30
C GLU A 55 3.40 1.88 9.03
N ALA A 56 2.59 1.10 8.33
CA ALA A 56 1.97 1.52 7.09
C ALA A 56 1.39 2.92 7.17
N GLN A 57 0.66 3.17 8.26
CA GLN A 57 0.02 4.44 8.44
C GLN A 57 0.95 5.65 8.39
N GLY A 58 2.21 5.45 8.78
CA GLY A 58 3.12 6.57 8.71
C GLY A 58 3.27 7.06 7.28
N ALA A 59 2.99 6.18 6.32
CA ALA A 59 3.12 6.50 4.91
C ALA A 59 2.13 7.54 4.42
N LEU A 60 0.96 7.57 5.04
CA LEU A 60 -0.05 8.55 4.63
C LEU A 60 0.44 9.96 4.85
N ALA A 61 1.31 10.18 5.82
CA ALA A 61 1.84 11.51 6.07
C ALA A 61 2.61 11.97 4.84
N ASN A 62 3.42 11.07 4.29
CA ASN A 62 4.20 11.39 3.10
C ASN A 62 3.33 11.68 1.88
N ILE A 63 2.35 10.82 1.65
CA ILE A 63 1.46 11.00 0.52
C ILE A 63 0.67 12.29 0.64
N ALA A 64 0.36 12.69 1.86
CA ALA A 64 -0.38 13.93 2.09
C ALA A 64 0.51 15.11 1.69
N VAL A 65 1.78 15.04 2.06
CA VAL A 65 2.71 16.10 1.71
C VAL A 65 2.93 16.10 0.21
N ASP A 66 3.04 14.91 -0.38
CA ASP A 66 3.26 14.80 -1.81
C ASP A 66 2.12 15.43 -2.59
N LYS A 67 0.89 15.25 -2.12
CA LYS A 67 -0.26 15.83 -2.80
C LYS A 67 -0.12 17.34 -2.72
N ALA A 68 0.17 17.85 -1.52
CA ALA A 68 0.34 19.27 -1.31
C ALA A 68 1.43 19.79 -2.25
N ASN A 69 2.57 19.10 -2.29
CA ASN A 69 3.68 19.50 -3.15
C ASN A 69 3.28 19.48 -4.60
N LEU A 70 2.53 18.45 -5.01
CA LEU A 70 2.08 18.34 -6.40
C LEU A 70 1.29 19.58 -6.80
N GLU A 71 0.40 20.01 -5.93
CA GLU A 71 -0.42 21.18 -6.23
C GLU A 71 0.43 22.43 -6.36
N ILE A 72 1.41 22.58 -5.48
CA ILE A 72 2.31 23.72 -5.51
C ILE A 72 3.12 23.69 -6.80
N MET A 73 3.67 22.52 -7.15
CA MET A 73 4.47 22.39 -8.35
C MET A 73 3.63 22.50 -9.62
N THR A 74 2.40 22.00 -9.55
CA THR A 74 1.52 22.06 -10.69
C THR A 74 1.33 23.54 -11.06
N LYS A 75 1.07 24.36 -10.05
CA LYS A 75 0.86 25.77 -10.27
C LYS A 75 2.16 26.44 -10.71
N ARG A 76 3.26 26.08 -10.05
CA ARG A 76 4.58 26.64 -10.37
C ARG A 76 4.98 26.38 -11.80
N SER A 77 4.55 25.25 -12.35
CA SER A 77 4.91 24.89 -13.72
C SER A 77 3.91 25.51 -14.68
N ASN A 78 3.02 26.34 -14.13
CA ASN A 78 1.98 26.98 -14.91
C ASN A 78 1.14 25.87 -15.54
N TYR A 79 0.75 24.92 -14.71
CA TYR A 79 -0.08 23.79 -15.11
C TYR A 79 0.45 23.01 -16.31
N THR A 80 1.74 22.73 -16.29
CA THR A 80 2.37 21.96 -17.36
C THR A 80 2.12 20.49 -17.03
N PRO A 81 1.34 19.79 -17.88
CA PRO A 81 1.02 18.39 -17.66
C PRO A 81 2.15 17.48 -18.02
N ILE A 82 2.02 16.21 -17.64
CA ILE A 82 3.05 15.23 -17.94
C ILE A 82 2.83 14.77 -19.37
N THR A 83 3.92 14.42 -20.05
CA THR A 83 3.78 13.91 -21.40
C THR A 83 3.77 12.40 -21.27
N ASN A 84 2.73 11.77 -21.80
CA ASN A 84 2.64 10.32 -21.71
C ASN A 84 3.85 9.68 -22.35
N VAL A 85 4.34 8.63 -21.72
CA VAL A 85 5.47 7.87 -22.24
C VAL A 85 4.95 6.44 -22.26
N PRO A 86 4.67 5.91 -23.46
CA PRO A 86 4.14 4.55 -23.65
C PRO A 86 5.07 3.47 -23.12
N PRO A 87 4.47 2.38 -22.62
CA PRO A 87 5.27 1.29 -22.07
C PRO A 87 5.79 0.36 -23.12
N GLU A 88 6.96 -0.18 -22.88
CA GLU A 88 7.48 -1.17 -23.81
C GLU A 88 7.02 -2.39 -23.03
N VAL A 89 6.36 -3.32 -23.71
CA VAL A 89 5.84 -4.51 -23.06
C VAL A 89 6.52 -5.78 -23.52
N THR A 90 6.87 -6.63 -22.56
CA THR A 90 7.51 -7.89 -22.85
C THR A 90 6.81 -9.00 -22.09
N VAL A 91 6.56 -10.13 -22.76
CA VAL A 91 5.93 -11.24 -22.10
C VAL A 91 6.91 -12.39 -22.18
N LEU A 92 7.19 -12.98 -21.04
CA LEU A 92 8.11 -14.10 -20.98
C LEU A 92 7.59 -15.03 -19.92
N THR A 93 8.20 -16.20 -19.79
CA THR A 93 7.78 -17.15 -18.78
C THR A 93 8.85 -17.04 -17.71
N ASN A 94 8.50 -17.36 -16.47
CA ASN A 94 9.48 -17.27 -15.39
C ASN A 94 10.39 -18.50 -15.41
N SER A 95 9.97 -19.53 -16.12
CA SER A 95 10.75 -20.76 -16.19
C SER A 95 10.63 -21.39 -17.56
N PRO A 96 11.60 -22.23 -17.94
CA PRO A 96 11.50 -22.87 -19.26
C PRO A 96 10.13 -23.58 -19.36
N VAL A 97 9.55 -23.56 -20.55
CA VAL A 97 8.24 -24.18 -20.78
C VAL A 97 8.23 -25.66 -21.11
N GLU A 98 7.42 -26.41 -20.36
CA GLU A 98 7.25 -27.84 -20.58
C GLU A 98 5.75 -28.12 -20.44
N LEU A 99 5.20 -28.86 -21.39
CA LEU A 99 3.79 -29.19 -21.36
C LEU A 99 3.45 -29.86 -20.02
N ARG A 100 2.29 -29.52 -19.48
CA ARG A 100 1.81 -30.07 -18.22
C ARG A 100 2.62 -29.67 -16.98
N GLU A 101 3.54 -28.73 -17.13
CA GLU A 101 4.32 -28.28 -16.00
C GLU A 101 3.94 -26.83 -15.73
N PRO A 102 3.28 -26.57 -14.59
CA PRO A 102 2.88 -25.20 -14.24
C PRO A 102 4.01 -24.18 -14.45
N ASN A 103 3.66 -23.03 -15.00
CA ASN A 103 4.62 -21.98 -15.26
C ASN A 103 3.87 -20.69 -14.98
N VAL A 104 4.50 -19.55 -15.23
CA VAL A 104 3.87 -18.27 -15.00
C VAL A 104 4.24 -17.32 -16.13
N LEU A 105 3.24 -16.75 -16.78
CA LEU A 105 3.50 -15.80 -17.85
C LEU A 105 3.75 -14.48 -17.14
N ILE A 106 4.83 -13.81 -17.50
CA ILE A 106 5.17 -12.55 -16.89
C ILE A 106 5.00 -11.45 -17.94
N CYS A 107 4.16 -10.47 -17.62
CA CYS A 107 3.96 -9.36 -18.54
C CYS A 107 4.75 -8.22 -17.91
N PHE A 108 5.91 -7.92 -18.48
CA PHE A 108 6.78 -6.85 -17.98
C PHE A 108 6.42 -5.56 -18.70
N ILE A 109 5.82 -4.62 -17.97
CA ILE A 109 5.44 -3.33 -18.52
C ILE A 109 6.52 -2.38 -18.03
N ASP A 110 7.27 -1.81 -18.97
CA ASP A 110 8.42 -0.99 -18.63
C ASP A 110 8.47 0.40 -19.28
N LYS A 111 9.28 1.27 -18.66
CA LYS A 111 9.53 2.62 -19.13
C LYS A 111 8.30 3.42 -19.52
N PHE A 112 7.39 3.59 -18.58
CA PHE A 112 6.18 4.36 -18.88
C PHE A 112 5.80 5.33 -17.80
N THR A 113 4.93 6.27 -18.18
CA THR A 113 4.41 7.27 -17.28
C THR A 113 3.27 7.97 -18.04
N PRO A 114 2.23 8.42 -17.32
CA PRO A 114 2.05 8.34 -15.87
C PRO A 114 1.82 6.91 -15.39
N PRO A 115 1.94 6.69 -14.07
CA PRO A 115 1.73 5.37 -13.47
C PRO A 115 0.26 4.99 -13.39
N VAL A 116 -0.32 4.71 -14.54
CA VAL A 116 -1.71 4.29 -14.65
C VAL A 116 -1.75 3.39 -15.87
N VAL A 117 -2.24 2.16 -15.69
CA VAL A 117 -2.30 1.20 -16.79
C VAL A 117 -3.39 0.18 -16.52
N ASN A 118 -3.98 -0.33 -17.61
CA ASN A 118 -4.99 -1.38 -17.51
C ASN A 118 -4.33 -2.56 -18.19
N VAL A 119 -4.16 -3.65 -17.45
CA VAL A 119 -3.51 -4.82 -17.99
C VAL A 119 -4.46 -5.99 -17.93
N THR A 120 -4.68 -6.62 -19.07
CA THR A 120 -5.57 -7.76 -19.15
C THR A 120 -4.84 -8.92 -19.79
N TRP A 121 -5.14 -10.12 -19.33
CA TRP A 121 -4.54 -11.32 -19.91
C TRP A 121 -5.61 -11.96 -20.78
N LEU A 122 -5.21 -12.35 -21.97
CA LEU A 122 -6.13 -12.99 -22.88
C LEU A 122 -5.59 -14.37 -23.20
N ARG A 123 -6.47 -15.36 -23.11
CA ARG A 123 -6.11 -16.73 -23.43
C ARG A 123 -7.06 -17.08 -24.55
N ASN A 124 -6.50 -17.39 -25.71
CA ASN A 124 -7.30 -17.73 -26.87
C ASN A 124 -8.30 -16.60 -27.15
N GLY A 125 -7.83 -15.37 -27.03
CA GLY A 125 -8.67 -14.22 -27.32
C GLY A 125 -9.66 -13.81 -26.24
N LYS A 126 -9.77 -14.62 -25.18
CA LYS A 126 -10.71 -14.29 -24.11
C LYS A 126 -9.95 -13.90 -22.84
N PRO A 127 -10.50 -12.95 -22.08
CA PRO A 127 -9.87 -12.48 -20.83
C PRO A 127 -9.77 -13.61 -19.81
N VAL A 128 -8.63 -13.68 -19.12
CA VAL A 128 -8.43 -14.67 -18.08
C VAL A 128 -7.97 -13.97 -16.82
N THR A 129 -8.62 -14.28 -15.71
CA THR A 129 -8.28 -13.67 -14.44
C THR A 129 -7.80 -14.71 -13.42
N THR A 130 -8.09 -15.98 -13.69
CA THR A 130 -7.71 -17.06 -12.79
C THR A 130 -6.27 -16.98 -12.27
N GLY A 131 -6.17 -16.74 -10.97
CA GLY A 131 -4.86 -16.68 -10.31
C GLY A 131 -3.89 -15.61 -10.75
N VAL A 132 -4.36 -14.60 -11.46
CA VAL A 132 -3.46 -13.54 -11.91
C VAL A 132 -3.04 -12.71 -10.71
N SER A 133 -1.94 -11.97 -10.87
CA SER A 133 -1.47 -11.10 -9.80
C SER A 133 -0.62 -10.04 -10.48
N GLU A 134 -0.30 -8.99 -9.74
CA GLU A 134 0.50 -7.91 -10.29
C GLU A 134 1.24 -7.21 -9.17
N THR A 135 2.17 -6.35 -9.56
CA THR A 135 2.94 -5.58 -8.60
C THR A 135 2.44 -4.16 -8.76
N VAL A 136 2.79 -3.28 -7.83
CA VAL A 136 2.40 -1.90 -7.95
C VAL A 136 3.40 -1.29 -8.93
N PHE A 137 3.37 0.03 -9.08
CA PHE A 137 4.28 0.66 -10.01
C PHE A 137 5.65 0.82 -9.38
N LEU A 138 6.64 0.18 -9.99
CA LEU A 138 8.00 0.24 -9.48
C LEU A 138 8.76 1.39 -10.13
N PRO A 139 9.56 2.10 -9.33
CA PRO A 139 10.34 3.24 -9.83
C PRO A 139 11.55 2.84 -10.67
N ARG A 140 11.89 3.72 -11.61
CA ARG A 140 13.04 3.51 -12.49
C ARG A 140 13.98 4.67 -12.26
N GLU A 141 15.26 4.49 -12.57
CA GLU A 141 16.25 5.53 -12.38
C GLU A 141 16.00 6.72 -13.30
N ASP A 142 15.26 6.51 -14.39
CA ASP A 142 14.95 7.62 -15.29
C ASP A 142 13.62 8.21 -14.86
N HIS A 143 13.12 7.69 -13.75
CA HIS A 143 11.89 8.15 -13.14
C HIS A 143 10.59 7.87 -13.86
N LEU A 144 10.64 6.88 -14.75
CA LEU A 144 9.46 6.40 -15.44
C LEU A 144 9.09 5.25 -14.52
N PHE A 145 8.21 4.34 -14.95
CA PHE A 145 7.81 3.23 -14.10
C PHE A 145 7.91 1.86 -14.77
N ARG A 146 8.00 0.83 -13.94
CA ARG A 146 8.04 -0.57 -14.36
C ARG A 146 6.85 -1.18 -13.63
N LYS A 147 6.33 -2.28 -14.15
CA LYS A 147 5.22 -2.96 -13.50
C LYS A 147 5.21 -4.39 -13.99
N PHE A 148 4.81 -5.30 -13.12
CA PHE A 148 4.77 -6.71 -13.48
C PHE A 148 3.38 -7.28 -13.27
N HIS A 149 2.97 -8.10 -14.22
CA HIS A 149 1.70 -8.78 -14.11
C HIS A 149 2.02 -10.24 -14.34
N TYR A 150 1.35 -11.10 -13.58
CA TYR A 150 1.61 -12.52 -13.66
C TYR A 150 0.37 -13.35 -13.91
N LEU A 151 0.54 -14.39 -14.71
CA LEU A 151 -0.56 -15.30 -15.00
C LEU A 151 -0.07 -16.73 -14.88
N PRO A 152 -0.41 -17.40 -13.76
CA PRO A 152 0.06 -18.79 -13.67
C PRO A 152 -0.69 -19.53 -14.78
N PHE A 153 -0.06 -20.53 -15.37
CA PHE A 153 -0.74 -21.28 -16.41
C PHE A 153 -0.13 -22.66 -16.58
N LEU A 154 -0.89 -23.53 -17.22
CA LEU A 154 -0.48 -24.90 -17.51
C LEU A 154 -0.21 -24.90 -19.01
N PRO A 155 1.07 -24.94 -19.41
CA PRO A 155 1.48 -24.93 -20.81
C PRO A 155 0.73 -25.95 -21.67
N SER A 156 0.17 -25.47 -22.78
CA SER A 156 -0.55 -26.33 -23.70
C SER A 156 -0.23 -25.92 -25.12
N THR A 157 -0.17 -26.90 -26.01
CA THR A 157 0.10 -26.63 -27.42
C THR A 157 -1.13 -26.02 -28.07
N GLU A 158 -2.23 -25.98 -27.34
CA GLU A 158 -3.50 -25.48 -27.88
C GLU A 158 -3.95 -24.11 -27.37
N ASP A 159 -3.14 -23.49 -26.53
CA ASP A 159 -3.48 -22.18 -25.99
C ASP A 159 -2.55 -21.09 -26.50
N VAL A 160 -3.09 -19.89 -26.66
CA VAL A 160 -2.27 -18.76 -27.07
C VAL A 160 -2.64 -17.68 -26.07
N TYR A 161 -1.65 -16.89 -25.67
CA TYR A 161 -1.90 -15.84 -24.71
C TYR A 161 -1.46 -14.49 -25.21
N ASP A 162 -2.07 -13.47 -24.63
CA ASP A 162 -1.74 -12.11 -24.97
C ASP A 162 -1.83 -11.28 -23.71
N CYS A 163 -0.86 -10.41 -23.51
CA CYS A 163 -0.91 -9.50 -22.38
C CYS A 163 -1.40 -8.23 -23.07
N ARG A 164 -2.55 -7.72 -22.67
CA ARG A 164 -3.09 -6.53 -23.29
C ARG A 164 -2.87 -5.35 -22.36
N VAL A 165 -2.13 -4.36 -22.84
CA VAL A 165 -1.83 -3.20 -22.02
C VAL A 165 -2.45 -1.91 -22.55
N GLU A 166 -3.21 -1.24 -21.68
CA GLU A 166 -3.84 0.02 -22.03
C GLU A 166 -3.10 1.10 -21.26
N HIS A 167 -2.64 2.12 -21.97
CA HIS A 167 -1.93 3.22 -21.36
C HIS A 167 -2.14 4.46 -22.24
N TRP A 168 -2.29 5.62 -21.60
CA TRP A 168 -2.53 6.85 -22.33
C TRP A 168 -1.45 7.22 -23.31
N GLY A 169 -0.30 6.56 -23.19
CA GLY A 169 0.78 6.81 -24.13
C GLY A 169 0.52 6.06 -25.42
N LEU A 170 -0.46 5.17 -25.40
CA LEU A 170 -0.81 4.34 -26.56
C LEU A 170 -2.17 4.72 -27.17
N ASP A 171 -2.25 4.75 -28.50
CA ASP A 171 -3.52 5.08 -29.17
C ASP A 171 -4.54 3.98 -28.92
N GLU A 172 -4.08 2.74 -28.87
CA GLU A 172 -4.97 1.61 -28.62
C GLU A 172 -4.24 0.59 -27.76
N PRO A 173 -4.99 -0.32 -27.13
CA PRO A 173 -4.34 -1.32 -26.29
C PRO A 173 -3.22 -2.02 -27.03
N LEU A 174 -2.13 -2.29 -26.32
CA LEU A 174 -0.99 -2.97 -26.89
C LEU A 174 -1.09 -4.42 -26.47
N LEU A 175 -0.97 -5.33 -27.44
CA LEU A 175 -1.02 -6.74 -27.10
C LEU A 175 0.31 -7.42 -27.39
N LYS A 176 0.85 -8.06 -26.36
CA LYS A 176 2.08 -8.80 -26.49
C LYS A 176 1.70 -10.28 -26.44
N HIS A 177 2.01 -10.97 -27.51
CA HIS A 177 1.66 -12.37 -27.67
C HIS A 177 2.66 -13.38 -27.12
N TRP A 178 2.14 -14.53 -26.70
CA TRP A 178 2.95 -15.62 -26.24
C TRP A 178 2.24 -16.92 -26.55
N GLU A 179 3.00 -17.92 -26.97
CA GLU A 179 2.45 -19.22 -27.25
C GLU A 179 3.56 -20.26 -27.24
N PHE A 180 3.20 -21.51 -26.94
CA PHE A 180 4.15 -22.60 -26.89
C PHE A 180 4.65 -22.97 -28.29
N GLY B 1 -10.13 8.03 -25.57
CA GLY B 1 -9.71 7.71 -24.22
C GLY B 1 -9.60 8.93 -23.33
N ASP B 2 -9.27 8.71 -22.07
CA ASP B 2 -9.13 9.79 -21.11
C ASP B 2 -7.88 10.59 -21.47
N THR B 3 -8.06 11.83 -21.93
CA THR B 3 -6.92 12.65 -22.30
C THR B 3 -6.72 13.84 -21.35
N ARG B 4 -7.45 13.82 -20.22
CA ARG B 4 -7.32 14.87 -19.23
C ARG B 4 -5.87 14.97 -18.79
N PRO B 5 -5.37 16.20 -18.59
CA PRO B 5 -3.98 16.37 -18.17
C PRO B 5 -3.66 15.67 -16.85
N ARG B 6 -2.48 15.06 -16.78
CA ARG B 6 -2.04 14.40 -15.58
C ARG B 6 -0.87 15.18 -14.99
N PHE B 7 -0.83 15.27 -13.67
CA PHE B 7 0.25 15.97 -12.97
C PHE B 7 0.78 15.00 -11.93
N LEU B 8 2.07 14.73 -12.01
CA LEU B 8 2.67 13.76 -11.12
C LEU B 8 3.76 14.31 -10.21
N GLU B 9 3.72 13.91 -8.95
CA GLU B 9 4.73 14.30 -7.99
C GLU B 9 5.40 13.01 -7.52
N GLN B 10 6.72 12.98 -7.59
CA GLN B 10 7.45 11.81 -7.13
C GLN B 10 8.45 12.26 -6.10
N VAL B 11 8.69 11.39 -5.12
CA VAL B 11 9.69 11.67 -4.11
C VAL B 11 10.43 10.37 -3.92
N LYS B 12 11.75 10.46 -3.91
CA LYS B 12 12.57 9.28 -3.71
C LYS B 12 13.59 9.59 -2.63
N HIS B 13 13.57 8.79 -1.58
CA HIS B 13 14.52 8.93 -0.49
C HIS B 13 15.43 7.75 -0.75
N GLU B 14 16.63 8.02 -1.26
CA GLU B 14 17.56 6.95 -1.58
C GLU B 14 18.70 6.78 -0.62
N CYS B 15 19.06 5.52 -0.44
CA CYS B 15 20.16 5.18 0.43
C CYS B 15 21.11 4.31 -0.38
N HIS B 16 22.26 4.88 -0.73
CA HIS B 16 23.26 4.17 -1.51
C HIS B 16 24.35 3.68 -0.57
N PHE B 17 24.56 2.38 -0.55
CA PHE B 17 25.55 1.78 0.34
C PHE B 17 26.78 1.28 -0.35
N PHE B 18 27.93 1.57 0.24
CA PHE B 18 29.22 1.15 -0.28
C PHE B 18 29.95 0.37 0.80
N ASN B 19 30.56 -0.73 0.40
CA ASN B 19 31.30 -1.60 1.31
C ASN B 19 30.51 -1.76 2.60
N GLY B 20 29.43 -2.52 2.53
CA GLY B 20 28.57 -2.71 3.68
C GLY B 20 27.88 -1.38 3.93
N THR B 21 28.13 -0.78 5.10
CA THR B 21 27.56 0.50 5.45
C THR B 21 28.69 1.45 5.79
N GLU B 22 29.90 1.11 5.33
CA GLU B 22 31.07 1.95 5.57
C GLU B 22 30.80 3.34 5.00
N ARG B 23 30.40 3.36 3.74
CA ARG B 23 30.09 4.62 3.07
C ARG B 23 28.61 4.58 2.69
N VAL B 24 27.89 5.62 3.09
CA VAL B 24 26.48 5.70 2.80
C VAL B 24 26.18 7.08 2.25
N ARG B 25 25.40 7.13 1.18
CA ARG B 25 25.03 8.41 0.60
C ARG B 25 23.52 8.48 0.60
N PHE B 26 22.98 9.53 1.21
CA PHE B 26 21.54 9.72 1.28
C PHE B 26 21.13 10.83 0.34
N LEU B 27 20.11 10.53 -0.48
CA LEU B 27 19.57 11.50 -1.43
C LEU B 27 18.07 11.67 -1.18
N ASP B 28 17.65 12.90 -0.99
CA ASP B 28 16.25 13.22 -0.77
C ASP B 28 15.88 13.92 -2.07
N ARG B 29 15.16 13.23 -2.95
CA ARG B 29 14.83 13.78 -4.26
C ARG B 29 13.36 14.04 -4.54
N TYR B 30 13.10 15.19 -5.16
CA TYR B 30 11.74 15.57 -5.49
C TYR B 30 11.58 15.78 -6.98
N PHE B 31 10.55 15.14 -7.54
CA PHE B 31 10.31 15.23 -8.96
C PHE B 31 8.93 15.72 -9.32
N TYR B 32 8.87 16.47 -10.41
CA TYR B 32 7.58 16.94 -10.91
C TYR B 32 7.54 16.19 -12.23
N HIS B 33 6.67 15.18 -12.28
CA HIS B 33 6.57 14.31 -13.45
C HIS B 33 7.84 13.46 -13.42
N GLN B 34 8.76 13.70 -14.34
CA GLN B 34 10.01 12.95 -14.37
C GLN B 34 11.18 13.89 -14.03
N GLU B 35 10.89 15.17 -13.93
CA GLU B 35 11.90 16.18 -13.66
C GLU B 35 12.19 16.46 -12.18
N GLU B 36 13.41 16.13 -11.76
CA GLU B 36 13.85 16.36 -10.38
C GLU B 36 14.12 17.85 -10.27
N TYR B 37 13.46 18.50 -9.31
CA TYR B 37 13.63 19.94 -9.15
C TYR B 37 14.41 20.35 -7.90
N VAL B 38 14.42 19.50 -6.89
CA VAL B 38 15.18 19.77 -5.67
C VAL B 38 15.64 18.47 -5.07
N ARG B 39 16.79 18.51 -4.41
CA ARG B 39 17.32 17.33 -3.76
C ARG B 39 18.27 17.68 -2.65
N PHE B 40 18.36 16.77 -1.69
CA PHE B 40 19.29 16.91 -0.59
C PHE B 40 20.24 15.76 -0.81
N ASP B 41 21.53 16.08 -0.93
CA ASP B 41 22.57 15.08 -1.12
C ASP B 41 23.41 15.12 0.16
N SER B 42 23.52 14.01 0.86
CA SER B 42 24.30 13.99 2.10
C SER B 42 25.75 14.36 1.85
N ASP B 43 26.24 14.15 0.62
CA ASP B 43 27.61 14.51 0.30
C ASP B 43 27.71 16.03 0.16
N VAL B 44 26.57 16.70 0.07
CA VAL B 44 26.53 18.16 -0.04
C VAL B 44 26.10 18.76 1.31
N GLY B 45 25.14 18.13 1.98
CA GLY B 45 24.70 18.61 3.29
C GLY B 45 23.56 19.60 3.32
N GLU B 46 23.03 19.96 2.17
CA GLU B 46 21.91 20.90 2.12
C GLU B 46 21.11 20.68 0.87
N TYR B 47 19.89 21.21 0.85
CA TYR B 47 19.05 21.07 -0.33
C TYR B 47 19.56 22.02 -1.40
N ARG B 48 19.61 21.52 -2.62
CA ARG B 48 20.06 22.30 -3.77
C ARG B 48 19.00 22.13 -4.84
N ALA B 49 18.61 23.23 -5.47
CA ALA B 49 17.61 23.17 -6.53
C ALA B 49 18.26 22.50 -7.73
N VAL B 50 17.49 21.72 -8.47
CA VAL B 50 18.03 21.04 -9.64
C VAL B 50 17.56 21.80 -10.87
N THR B 51 16.45 22.49 -10.72
CA THR B 51 15.87 23.31 -11.77
C THR B 51 15.36 24.55 -11.04
N GLU B 52 15.14 25.63 -11.77
CA GLU B 52 14.67 26.86 -11.14
C GLU B 52 13.40 26.64 -10.32
N LEU B 53 12.54 25.74 -10.75
CA LEU B 53 11.30 25.48 -10.02
C LEU B 53 11.56 24.92 -8.63
N GLY B 54 12.81 24.53 -8.37
CA GLY B 54 13.14 23.97 -7.09
C GLY B 54 13.70 24.98 -6.09
N ARG B 55 14.33 26.04 -6.61
CA ARG B 55 14.92 27.07 -5.77
C ARG B 55 14.06 27.46 -4.58
N PRO B 56 12.76 27.72 -4.81
CA PRO B 56 11.89 28.10 -3.70
C PRO B 56 11.97 27.12 -2.53
N ASP B 57 11.94 25.83 -2.85
CA ASP B 57 11.99 24.79 -1.82
C ASP B 57 13.35 24.70 -1.16
N ALA B 58 14.41 24.68 -1.96
CA ALA B 58 15.77 24.60 -1.43
C ALA B 58 16.04 25.72 -0.43
N GLU B 59 15.42 26.87 -0.63
CA GLU B 59 15.59 28.01 0.27
C GLU B 59 14.86 27.82 1.58
N TYR B 60 13.56 27.55 1.50
CA TYR B 60 12.75 27.37 2.70
C TYR B 60 13.19 26.19 3.56
N TRP B 61 13.64 25.11 2.91
CA TRP B 61 14.07 23.93 3.64
C TRP B 61 15.40 24.11 4.34
N ASN B 62 16.34 24.79 3.70
CA ASN B 62 17.63 25.00 4.33
C ASN B 62 17.49 25.99 5.48
N SER B 63 16.40 26.75 5.47
CA SER B 63 16.13 27.73 6.53
C SER B 63 15.76 27.06 7.84
N GLN B 64 15.29 25.81 7.76
CA GLN B 64 14.90 25.08 8.96
C GLN B 64 16.07 24.22 9.47
N LYS B 65 16.68 24.66 10.55
CA LYS B 65 17.83 23.98 11.14
C LYS B 65 17.50 22.60 11.73
N ASP B 66 16.28 22.45 12.23
CA ASP B 66 15.87 21.16 12.78
C ASP B 66 15.67 20.21 11.62
N LEU B 67 15.31 20.79 10.48
CA LEU B 67 15.09 20.03 9.27
C LEU B 67 16.41 19.55 8.67
N LEU B 68 17.36 20.47 8.47
CA LEU B 68 18.64 20.07 7.91
C LEU B 68 19.34 19.14 8.86
N GLU B 69 19.07 19.34 10.15
CA GLU B 69 19.66 18.51 11.18
C GLU B 69 19.20 17.07 11.00
N GLN B 70 17.90 16.91 10.75
CA GLN B 70 17.33 15.58 10.52
C GLN B 70 17.94 14.95 9.27
N LYS B 71 17.91 15.69 8.16
CA LYS B 71 18.45 15.19 6.89
C LYS B 71 19.93 14.80 6.97
N ARG B 72 20.70 15.59 7.71
CA ARG B 72 22.13 15.31 7.85
C ARG B 72 22.44 14.09 8.69
N ALA B 73 21.46 13.66 9.48
CA ALA B 73 21.64 12.47 10.31
C ALA B 73 21.01 11.27 9.62
N ALA B 74 20.37 11.53 8.48
CA ALA B 74 19.68 10.50 7.70
C ALA B 74 20.52 9.27 7.37
N VAL B 75 21.76 9.49 6.93
CA VAL B 75 22.61 8.35 6.59
C VAL B 75 22.67 7.35 7.74
N ASP B 76 22.51 7.83 8.98
CA ASP B 76 22.54 6.94 10.13
C ASP B 76 21.18 6.49 10.63
N THR B 77 20.31 7.43 10.93
CA THR B 77 18.98 7.13 11.45
C THR B 77 18.02 6.54 10.42
N TYR B 78 18.34 6.76 9.15
CA TYR B 78 17.48 6.26 8.09
C TYR B 78 18.12 5.12 7.29
N CYS B 79 19.19 5.45 6.59
CA CYS B 79 19.84 4.49 5.75
C CYS B 79 20.49 3.33 6.49
N ARG B 80 21.45 3.62 7.37
CA ARG B 80 22.08 2.57 8.12
C ARG B 80 21.07 1.81 8.97
N HIS B 81 20.10 2.52 9.54
CA HIS B 81 19.11 1.83 10.35
C HIS B 81 18.33 0.82 9.53
N ASN B 82 17.75 1.27 8.42
CA ASN B 82 16.96 0.37 7.59
C ASN B 82 17.80 -0.76 7.00
N TYR B 83 19.04 -0.45 6.65
CA TYR B 83 19.94 -1.46 6.11
C TYR B 83 20.02 -2.59 7.16
N GLY B 84 20.24 -2.20 8.41
CA GLY B 84 20.35 -3.20 9.48
C GLY B 84 19.07 -3.99 9.60
N VAL B 85 17.95 -3.29 9.57
CA VAL B 85 16.65 -3.93 9.68
C VAL B 85 16.37 -4.95 8.58
N GLY B 86 16.67 -4.61 7.33
CA GLY B 86 16.38 -5.53 6.24
C GLY B 86 17.52 -6.37 5.71
N GLU B 87 18.70 -6.23 6.31
CA GLU B 87 19.87 -6.96 5.85
C GLU B 87 19.70 -8.48 5.67
N SER B 88 19.18 -9.17 6.68
CA SER B 88 19.02 -10.62 6.60
C SER B 88 18.19 -11.15 5.44
N PHE B 89 17.21 -10.39 4.98
CA PHE B 89 16.37 -10.89 3.89
C PHE B 89 16.48 -10.13 2.57
N THR B 90 17.45 -9.22 2.49
CA THR B 90 17.69 -8.48 1.27
C THR B 90 19.16 -8.62 0.91
N VAL B 91 20.03 -7.96 1.67
CA VAL B 91 21.47 -8.03 1.47
C VAL B 91 22.00 -9.47 1.53
N GLN B 92 21.49 -10.26 2.47
CA GLN B 92 21.94 -11.64 2.64
C GLN B 92 21.08 -12.66 1.88
N ARG B 93 20.08 -12.17 1.15
CA ARG B 93 19.21 -13.07 0.40
C ARG B 93 20.02 -13.83 -0.64
N ARG B 94 19.89 -15.16 -0.62
CA ARG B 94 20.61 -16.02 -1.56
C ARG B 94 19.69 -17.16 -1.95
N VAL B 95 19.22 -17.11 -3.20
CA VAL B 95 18.36 -18.16 -3.71
C VAL B 95 19.14 -18.78 -4.84
N TYR B 96 19.31 -20.09 -4.80
CA TYR B 96 20.10 -20.74 -5.84
C TYR B 96 19.35 -20.88 -7.15
N PRO B 97 20.08 -20.85 -8.26
CA PRO B 97 19.44 -20.97 -9.57
C PRO B 97 19.20 -22.42 -9.97
N GLU B 98 18.20 -22.62 -10.82
CA GLU B 98 17.95 -23.93 -11.37
C GLU B 98 18.47 -23.73 -12.79
N VAL B 99 19.18 -24.72 -13.30
CA VAL B 99 19.74 -24.64 -14.64
C VAL B 99 19.13 -25.70 -15.52
N THR B 100 18.60 -25.27 -16.66
CA THR B 100 17.97 -26.16 -17.63
C THR B 100 18.64 -26.00 -18.97
N VAL B 101 19.04 -27.12 -19.57
CA VAL B 101 19.67 -27.11 -20.88
C VAL B 101 18.72 -27.85 -21.83
N TYR B 102 18.42 -27.24 -22.97
CA TYR B 102 17.54 -27.87 -23.94
C TYR B 102 17.90 -27.43 -25.36
N PRO B 103 17.69 -28.30 -26.35
CA PRO B 103 17.98 -28.06 -27.76
C PRO B 103 17.03 -27.07 -28.42
N ALA B 104 17.59 -26.00 -28.98
CA ALA B 104 16.80 -24.97 -29.66
C ALA B 104 16.98 -25.10 -31.17
N LEU B 114 21.42 -25.02 -31.88
CA LEU B 114 21.29 -23.97 -30.88
C LEU B 114 20.90 -24.57 -29.53
N LEU B 115 21.84 -24.52 -28.58
CA LEU B 115 21.58 -25.04 -27.25
C LEU B 115 21.22 -23.89 -26.33
N VAL B 116 20.19 -24.07 -25.53
CA VAL B 116 19.79 -23.01 -24.62
C VAL B 116 20.08 -23.39 -23.18
N CYS B 117 20.71 -22.47 -22.44
CA CYS B 117 20.97 -22.72 -21.03
C CYS B 117 20.12 -21.67 -20.33
N SER B 118 19.07 -22.12 -19.67
CA SER B 118 18.18 -21.21 -18.96
C SER B 118 18.45 -21.33 -17.47
N VAL B 119 18.90 -20.23 -16.88
CA VAL B 119 19.20 -20.18 -15.46
C VAL B 119 18.04 -19.41 -14.85
N ASN B 120 17.33 -20.03 -13.93
CA ASN B 120 16.15 -19.38 -13.35
C ASN B 120 16.02 -19.36 -11.83
N GLY B 121 15.22 -18.42 -11.34
CA GLY B 121 14.94 -18.28 -9.92
C GLY B 121 16.04 -17.88 -8.95
N PHE B 122 17.13 -17.33 -9.44
CA PHE B 122 18.22 -16.99 -8.53
C PHE B 122 18.19 -15.57 -8.00
N TYR B 123 18.91 -15.38 -6.91
CA TYR B 123 19.04 -14.07 -6.28
C TYR B 123 20.26 -14.19 -5.39
N PRO B 124 21.14 -13.16 -5.38
CA PRO B 124 21.07 -11.90 -6.12
C PRO B 124 21.33 -12.05 -7.63
N GLY B 125 21.38 -10.91 -8.32
CA GLY B 125 21.59 -10.90 -9.75
C GLY B 125 22.96 -11.32 -10.22
N SER B 126 23.98 -11.05 -9.42
CA SER B 126 25.35 -11.42 -9.80
C SER B 126 25.43 -12.90 -10.13
N ILE B 127 25.79 -13.21 -11.37
CA ILE B 127 25.89 -14.60 -11.77
C ILE B 127 26.81 -14.75 -12.96
N GLU B 128 27.42 -15.93 -13.10
CA GLU B 128 28.29 -16.21 -14.23
C GLU B 128 27.78 -17.49 -14.86
N VAL B 129 27.48 -17.43 -16.15
CA VAL B 129 26.99 -18.60 -16.85
C VAL B 129 27.93 -18.86 -18.01
N ARG B 130 28.53 -20.04 -18.02
CA ARG B 130 29.47 -20.37 -19.07
C ARG B 130 29.08 -21.63 -19.80
N TRP B 131 29.32 -21.63 -21.11
CA TRP B 131 29.03 -22.78 -21.97
C TRP B 131 30.35 -23.48 -22.24
N PHE B 132 30.37 -24.81 -22.09
CA PHE B 132 31.58 -25.58 -22.35
C PHE B 132 31.24 -26.62 -23.37
N ARG B 133 32.22 -26.96 -24.18
CA ARG B 133 32.07 -27.95 -25.22
C ARG B 133 33.29 -28.84 -25.09
N ASN B 134 33.07 -30.12 -24.82
CA ASN B 134 34.19 -31.04 -24.66
C ASN B 134 35.16 -30.53 -23.61
N GLY B 135 34.63 -29.91 -22.55
CA GLY B 135 35.47 -29.42 -21.46
C GLY B 135 36.17 -28.09 -21.70
N GLN B 136 35.97 -27.51 -22.88
CA GLN B 136 36.58 -26.23 -23.23
C GLN B 136 35.48 -25.17 -23.24
N GLU B 137 35.76 -23.99 -22.71
CA GLU B 137 34.75 -22.96 -22.69
C GLU B 137 34.48 -22.40 -24.08
N GLU B 138 33.20 -22.23 -24.40
CA GLU B 138 32.80 -21.68 -25.68
C GLU B 138 32.64 -20.18 -25.51
N LYS B 139 33.28 -19.42 -26.38
CA LYS B 139 33.19 -17.97 -26.32
C LYS B 139 32.42 -17.47 -27.55
N THR B 140 32.85 -17.92 -28.72
CA THR B 140 32.21 -17.52 -29.96
C THR B 140 30.91 -18.29 -30.13
N GLY B 141 29.89 -17.63 -30.66
CA GLY B 141 28.62 -18.30 -30.85
C GLY B 141 27.78 -18.40 -29.60
N VAL B 142 28.13 -17.62 -28.57
CA VAL B 142 27.38 -17.60 -27.32
C VAL B 142 26.65 -16.27 -27.21
N VAL B 143 25.35 -16.32 -26.97
CA VAL B 143 24.55 -15.11 -26.85
C VAL B 143 23.73 -15.17 -25.57
N SER B 144 23.68 -14.07 -24.84
CA SER B 144 22.91 -14.03 -23.59
C SER B 144 21.81 -12.99 -23.64
N THR B 145 20.66 -13.33 -23.08
CA THR B 145 19.51 -12.43 -23.04
C THR B 145 19.79 -11.33 -22.05
N GLY B 146 20.83 -11.52 -21.25
CA GLY B 146 21.15 -10.55 -20.23
C GLY B 146 20.38 -10.89 -18.98
N LEU B 147 20.67 -10.19 -17.90
CA LEU B 147 19.99 -10.43 -16.64
C LEU B 147 18.54 -9.97 -16.70
N ILE B 148 17.61 -10.84 -16.29
CA ILE B 148 16.19 -10.51 -16.32
C ILE B 148 15.57 -10.53 -14.92
N GLN B 149 14.99 -9.40 -14.53
CA GLN B 149 14.37 -9.31 -13.21
C GLN B 149 12.88 -9.73 -13.31
N ASN B 150 12.54 -10.84 -12.66
CA ASN B 150 11.17 -11.34 -12.70
C ASN B 150 10.18 -10.50 -11.90
N GLY B 151 10.71 -9.62 -11.05
CA GLY B 151 9.85 -8.76 -10.23
C GLY B 151 9.40 -9.39 -8.93
N ASP B 152 9.86 -10.61 -8.68
CA ASP B 152 9.49 -11.33 -7.45
C ASP B 152 10.72 -11.72 -6.65
N TRP B 153 11.76 -10.91 -6.73
CA TRP B 153 13.02 -11.16 -6.03
C TRP B 153 13.77 -12.36 -6.55
N THR B 154 13.59 -12.63 -7.83
CA THR B 154 14.33 -13.70 -8.49
C THR B 154 14.69 -13.15 -9.85
N PHE B 155 15.75 -13.71 -10.41
CA PHE B 155 16.23 -13.33 -11.73
C PHE B 155 16.24 -14.57 -12.60
N GLN B 156 16.42 -14.35 -13.89
CA GLN B 156 16.56 -15.45 -14.80
C GLN B 156 17.39 -14.90 -15.95
N THR B 157 18.04 -15.79 -16.69
CA THR B 157 18.85 -15.38 -17.81
C THR B 157 19.00 -16.59 -18.71
N LEU B 158 19.09 -16.36 -20.02
CA LEU B 158 19.27 -17.44 -20.96
C LEU B 158 20.54 -17.21 -21.73
N VAL B 159 21.35 -18.26 -21.84
CA VAL B 159 22.59 -18.16 -22.56
C VAL B 159 22.51 -19.21 -23.64
N MET B 160 22.55 -18.76 -24.89
CA MET B 160 22.46 -19.64 -26.05
C MET B 160 23.79 -19.93 -26.67
N LEU B 161 23.94 -21.14 -27.16
CA LEU B 161 25.16 -21.56 -27.82
C LEU B 161 24.86 -22.12 -29.20
N GLU B 162 25.36 -21.46 -30.23
CA GLU B 162 25.18 -21.92 -31.60
C GLU B 162 26.32 -22.89 -31.84
N THR B 163 26.00 -24.14 -32.17
CA THR B 163 27.06 -25.11 -32.39
C THR B 163 26.68 -26.24 -33.33
N VAL B 164 27.66 -27.06 -33.67
CA VAL B 164 27.48 -28.21 -34.53
C VAL B 164 28.23 -29.33 -33.80
N PRO B 165 27.52 -30.07 -32.94
CA PRO B 165 28.09 -31.17 -32.15
C PRO B 165 28.74 -32.29 -32.96
N ARG B 166 29.79 -32.86 -32.40
CA ARG B 166 30.48 -33.97 -33.03
C ARG B 166 29.79 -35.19 -32.44
N SER B 167 30.15 -36.36 -32.93
CA SER B 167 29.56 -37.60 -32.43
C SER B 167 29.70 -37.63 -30.91
N GLY B 168 28.57 -37.75 -30.21
CA GLY B 168 28.58 -37.80 -28.76
C GLY B 168 29.28 -36.65 -28.06
N GLU B 169 29.18 -35.46 -28.63
CA GLU B 169 29.80 -34.28 -28.04
C GLU B 169 29.16 -33.95 -26.70
N VAL B 170 29.98 -33.60 -25.71
CA VAL B 170 29.44 -33.25 -24.40
C VAL B 170 29.45 -31.75 -24.18
N TYR B 171 28.26 -31.17 -24.02
CA TYR B 171 28.17 -29.74 -23.77
C TYR B 171 27.84 -29.56 -22.30
N THR B 172 28.42 -28.53 -21.70
CA THR B 172 28.20 -28.28 -20.30
C THR B 172 27.86 -26.83 -20.03
N CYS B 173 26.79 -26.58 -19.29
CA CYS B 173 26.43 -25.23 -18.91
C CYS B 173 26.85 -25.18 -17.44
N GLN B 174 27.72 -24.22 -17.11
CA GLN B 174 28.21 -24.07 -15.75
C GLN B 174 27.80 -22.72 -15.19
N VAL B 175 27.25 -22.73 -13.99
CA VAL B 175 26.81 -21.51 -13.35
C VAL B 175 27.50 -21.26 -12.02
N GLU B 176 27.94 -20.03 -11.79
CA GLU B 176 28.57 -19.67 -10.53
C GLU B 176 27.68 -18.57 -9.98
N HIS B 177 27.37 -18.68 -8.69
CA HIS B 177 26.46 -17.74 -8.07
C HIS B 177 26.78 -17.69 -6.58
N PRO B 178 26.58 -16.53 -5.94
CA PRO B 178 26.85 -16.37 -4.51
C PRO B 178 26.17 -17.40 -3.60
N SER B 179 25.03 -17.91 -4.02
CA SER B 179 24.29 -18.87 -3.21
C SER B 179 24.93 -20.26 -3.20
N LEU B 180 25.80 -20.52 -4.18
CA LEU B 180 26.44 -21.81 -4.30
C LEU B 180 27.92 -21.79 -3.92
N THR B 181 28.33 -22.85 -3.23
CA THR B 181 29.72 -22.99 -2.81
C THR B 181 30.58 -23.23 -4.03
N SER B 182 30.07 -24.01 -4.96
CA SER B 182 30.81 -24.34 -6.19
C SER B 182 29.92 -24.19 -7.41
N PRO B 183 30.50 -24.26 -8.61
CA PRO B 183 29.68 -24.13 -9.81
C PRO B 183 28.56 -25.16 -9.87
N LEU B 184 27.47 -24.80 -10.51
CA LEU B 184 26.35 -25.70 -10.70
C LEU B 184 26.48 -26.13 -12.16
N THR B 185 26.56 -27.42 -12.39
CA THR B 185 26.75 -27.95 -13.73
C THR B 185 25.63 -28.83 -14.27
N VAL B 186 25.31 -28.63 -15.54
CA VAL B 186 24.30 -29.43 -16.23
C VAL B 186 24.96 -29.83 -17.53
N GLU B 187 25.13 -31.12 -17.76
CA GLU B 187 25.78 -31.56 -18.97
C GLU B 187 24.80 -32.26 -19.90
N TRP B 188 24.88 -31.89 -21.17
CA TRP B 188 24.01 -32.42 -22.20
C TRP B 188 24.92 -33.07 -23.23
N ARG B 189 24.67 -34.34 -23.54
CA ARG B 189 25.50 -35.05 -24.51
C ARG B 189 24.75 -35.23 -25.83
N ALA B 190 25.40 -34.86 -26.93
CA ALA B 190 24.80 -34.99 -28.25
C ALA B 190 24.71 -36.46 -28.64
N SER C 2 -29.40 -11.34 11.23
CA SER C 2 -28.48 -11.38 10.09
C SER C 2 -27.10 -11.91 10.48
N GLN C 3 -26.36 -11.17 11.32
CA GLN C 3 -25.03 -11.61 11.73
C GLN C 3 -25.09 -12.50 12.96
N PRO C 4 -24.45 -13.68 12.90
CA PRO C 4 -24.45 -14.59 14.05
C PRO C 4 -23.77 -13.96 15.26
N ASP C 5 -24.39 -14.08 16.42
CA ASP C 5 -23.84 -13.50 17.64
C ASP C 5 -22.42 -14.00 17.92
N PRO C 6 -21.68 -13.28 18.77
CA PRO C 6 -20.30 -13.63 19.14
C PRO C 6 -20.13 -15.09 19.55
N LYS C 7 -19.19 -15.79 18.91
CA LYS C 7 -18.91 -17.17 19.23
C LYS C 7 -17.94 -17.20 20.41
N PRO C 8 -17.78 -18.36 21.07
CA PRO C 8 -16.86 -18.47 22.20
C PRO C 8 -15.44 -18.07 21.83
N ASP C 9 -14.81 -17.27 22.69
CA ASP C 9 -13.44 -16.82 22.46
C ASP C 9 -13.29 -15.89 21.27
N GLU C 10 -14.40 -15.50 20.66
CA GLU C 10 -14.33 -14.61 19.51
C GLU C 10 -14.15 -13.17 19.97
N LEU C 11 -14.83 -12.80 21.05
CA LEU C 11 -14.74 -11.44 21.58
C LEU C 11 -13.39 -11.15 22.22
N HIS C 12 -12.88 -9.94 22.00
CA HIS C 12 -11.61 -9.53 22.56
C HIS C 12 -11.71 -9.49 24.08
N LYS C 13 -10.67 -9.99 24.75
CA LYS C 13 -10.64 -10.00 26.20
C LYS C 13 -9.81 -8.81 26.66
N SER C 14 -10.41 -7.94 27.45
CA SER C 14 -9.69 -6.76 27.93
C SER C 14 -8.43 -7.18 28.68
N SER C 15 -8.49 -8.31 29.39
CA SER C 15 -7.35 -8.79 30.14
C SER C 15 -6.16 -9.05 29.22
N LYS C 16 -6.45 -9.50 28.00
CA LYS C 16 -5.43 -9.78 27.00
C LYS C 16 -4.88 -8.52 26.35
N PHE C 17 -5.43 -7.37 26.70
CA PHE C 17 -4.94 -6.11 26.17
C PHE C 17 -4.07 -5.54 27.28
N THR C 18 -2.79 -5.33 26.98
CA THR C 18 -1.87 -4.81 28.00
C THR C 18 -1.48 -3.35 27.83
N GLY C 19 -2.00 -2.70 26.79
CA GLY C 19 -1.69 -1.30 26.60
C GLY C 19 -2.59 -0.46 27.49
N LEU C 20 -2.65 0.84 27.21
CA LEU C 20 -3.52 1.72 27.99
C LEU C 20 -4.91 1.81 27.38
N MET C 21 -5.92 1.41 28.14
CA MET C 21 -7.30 1.45 27.69
C MET C 21 -7.69 2.91 27.43
N GLU C 22 -6.94 3.84 28.02
CA GLU C 22 -7.21 5.27 27.83
C GLU C 22 -7.33 5.59 26.34
N ASN C 23 -6.53 4.91 25.53
CA ASN C 23 -6.53 5.11 24.08
C ASN C 23 -7.85 4.70 23.42
N MET C 24 -8.59 3.83 24.09
CA MET C 24 -9.87 3.39 23.58
C MET C 24 -10.88 4.35 24.18
N LYS C 25 -10.72 4.62 25.47
CA LYS C 25 -11.62 5.52 26.18
C LYS C 25 -11.80 6.86 25.45
N VAL C 26 -10.69 7.49 25.07
CA VAL C 26 -10.76 8.79 24.41
C VAL C 26 -11.58 8.78 23.13
N LEU C 27 -11.74 7.62 22.51
CA LEU C 27 -12.51 7.54 21.27
C LEU C 27 -13.99 7.69 21.62
N TYR C 28 -14.32 7.40 22.88
CA TYR C 28 -15.70 7.51 23.31
C TYR C 28 -15.87 8.46 24.49
N ASP C 29 -15.00 9.45 24.58
CA ASP C 29 -15.07 10.46 25.62
C ASP C 29 -15.94 11.59 25.07
N ASP C 30 -15.93 12.74 25.74
CA ASP C 30 -16.73 13.91 25.33
C ASP C 30 -16.64 14.27 23.86
N ASN C 31 -15.42 14.38 23.36
CA ASN C 31 -15.17 14.78 21.99
C ASN C 31 -15.49 13.81 20.87
N HIS C 32 -15.99 14.39 19.78
CA HIS C 32 -16.34 13.64 18.59
C HIS C 32 -16.62 14.67 17.52
N VAL C 33 -16.74 14.18 16.30
CA VAL C 33 -17.02 15.06 15.18
C VAL C 33 -18.52 15.14 14.97
N SER C 34 -19.02 16.36 14.81
CA SER C 34 -20.43 16.54 14.56
C SER C 34 -20.60 17.77 13.68
N ALA C 35 -21.23 17.57 12.53
CA ALA C 35 -21.47 18.66 11.60
C ALA C 35 -22.86 18.47 11.04
N ILE C 36 -23.60 19.57 10.91
CA ILE C 36 -24.95 19.52 10.38
C ILE C 36 -25.04 20.26 9.05
N ASN C 37 -25.53 19.58 8.03
CA ASN C 37 -25.72 20.18 6.72
C ASN C 37 -24.45 20.77 6.11
N VAL C 38 -23.44 19.93 5.88
CA VAL C 38 -22.21 20.39 5.28
C VAL C 38 -21.94 19.57 4.02
N LYS C 39 -21.11 20.11 3.14
CA LYS C 39 -20.75 19.45 1.89
C LYS C 39 -19.22 19.35 1.84
N SER C 40 -18.71 18.19 1.43
CA SER C 40 -17.25 18.02 1.35
C SER C 40 -16.67 19.16 0.55
N ILE C 41 -15.49 19.63 0.95
CA ILE C 41 -14.83 20.71 0.25
C ILE C 41 -13.55 20.24 -0.42
N ASP C 42 -13.23 18.96 -0.28
CA ASP C 42 -12.02 18.42 -0.89
C ASP C 42 -11.94 16.90 -0.72
N GLN C 43 -10.87 16.33 -1.23
CA GLN C 43 -10.62 14.89 -1.17
C GLN C 43 -9.11 14.67 -1.12
N PHE C 44 -8.67 13.69 -0.34
CA PHE C 44 -7.25 13.37 -0.27
C PHE C 44 -7.08 12.18 -1.20
N LEU C 45 -7.69 11.06 -0.83
CA LEU C 45 -7.64 9.87 -1.66
C LEU C 45 -9.07 9.62 -2.15
N TYR C 46 -9.22 8.89 -3.25
CA TYR C 46 -10.53 8.65 -3.85
C TYR C 46 -11.59 8.02 -2.95
N PHE C 47 -11.19 7.45 -1.82
CA PHE C 47 -12.18 6.82 -0.94
C PHE C 47 -12.52 7.66 0.29
N ASP C 48 -12.07 8.90 0.30
CA ASP C 48 -12.37 9.77 1.42
C ASP C 48 -12.95 11.10 0.95
N LEU C 49 -13.43 11.88 1.91
CA LEU C 49 -14.00 13.19 1.66
C LEU C 49 -13.51 14.06 2.79
N ILE C 50 -13.16 15.30 2.48
CA ILE C 50 -12.68 16.22 3.50
C ILE C 50 -13.76 17.25 3.75
N TYR C 51 -14.08 17.46 5.01
CA TYR C 51 -15.09 18.46 5.38
C TYR C 51 -14.46 19.56 6.18
N SER C 52 -14.97 20.77 6.00
CA SER C 52 -14.50 21.93 6.74
C SER C 52 -15.41 21.97 7.97
N ILE C 53 -14.91 21.46 9.08
CA ILE C 53 -15.68 21.43 10.33
C ILE C 53 -14.81 21.97 11.47
N LYS C 54 -15.33 22.97 12.16
CA LYS C 54 -14.60 23.57 13.25
C LYS C 54 -14.85 22.89 14.58
N ASP C 55 -13.76 22.65 15.32
CA ASP C 55 -13.82 22.03 16.63
C ASP C 55 -14.27 23.13 17.58
N THR C 56 -15.56 23.18 17.88
CA THR C 56 -16.08 24.22 18.75
C THR C 56 -16.05 23.90 20.25
N LYS C 57 -15.57 22.71 20.61
CA LYS C 57 -15.47 22.34 22.01
C LYS C 57 -14.07 22.66 22.52
N LEU C 58 -13.09 22.66 21.62
CA LEU C 58 -11.72 22.96 22.01
C LEU C 58 -10.75 23.30 20.86
N GLY C 59 -11.33 23.68 19.72
CA GLY C 59 -10.56 24.08 18.55
C GLY C 59 -9.29 23.31 18.19
N ASN C 60 -9.37 21.98 18.20
CA ASN C 60 -8.19 21.19 17.85
C ASN C 60 -8.03 21.00 16.35
N TYR C 61 -9.07 21.33 15.58
CA TYR C 61 -9.02 21.16 14.13
C TYR C 61 -9.97 22.08 13.38
N ASP C 62 -9.76 22.15 12.07
CA ASP C 62 -10.58 22.97 11.19
C ASP C 62 -11.09 22.10 10.04
N ASN C 63 -10.43 20.97 9.83
CA ASN C 63 -10.81 20.06 8.77
C ASN C 63 -10.88 18.61 9.24
N VAL C 64 -11.80 17.87 8.67
CA VAL C 64 -12.00 16.47 9.03
C VAL C 64 -11.95 15.56 7.82
N ARG C 65 -11.12 14.53 7.92
CA ARG C 65 -11.03 13.57 6.84
C ARG C 65 -11.97 12.40 7.15
N VAL C 66 -12.91 12.14 6.25
CA VAL C 66 -13.83 11.04 6.42
C VAL C 66 -13.48 9.97 5.39
N GLU C 67 -12.99 8.83 5.88
CA GLU C 67 -12.62 7.71 5.02
C GLU C 67 -13.75 6.68 4.97
N PHE C 68 -14.01 6.17 3.76
CA PHE C 68 -15.05 5.17 3.53
C PHE C 68 -14.42 3.85 3.05
N LYS C 69 -15.19 2.77 3.12
CA LYS C 69 -14.70 1.47 2.69
C LYS C 69 -14.41 1.38 1.18
N ASN C 70 -14.97 2.30 0.40
CA ASN C 70 -14.74 2.28 -1.03
C ASN C 70 -14.99 3.62 -1.71
N LYS C 71 -14.57 3.71 -2.96
CA LYS C 71 -14.74 4.93 -3.75
C LYS C 71 -16.21 5.27 -3.96
N ASP C 72 -17.06 4.25 -4.05
CA ASP C 72 -18.50 4.45 -4.25
C ASP C 72 -19.12 5.32 -3.16
N LEU C 73 -18.80 5.02 -1.91
CA LEU C 73 -19.34 5.81 -0.80
C LEU C 73 -18.89 7.26 -0.92
N ALA C 74 -17.60 7.48 -1.09
CA ALA C 74 -17.09 8.84 -1.25
C ALA C 74 -17.83 9.56 -2.39
N ASP C 75 -17.97 8.90 -3.53
CA ASP C 75 -18.64 9.52 -4.66
C ASP C 75 -20.11 9.82 -4.36
N LYS C 76 -20.74 8.91 -3.65
CA LYS C 76 -22.15 9.07 -3.28
C LYS C 76 -22.40 10.34 -2.47
N TYR C 77 -21.50 10.66 -1.55
CA TYR C 77 -21.67 11.84 -0.71
C TYR C 77 -20.86 13.07 -1.05
N LYS C 78 -19.89 12.94 -1.96
CA LYS C 78 -19.03 14.06 -2.31
C LYS C 78 -19.76 15.40 -2.49
N ASP C 79 -20.80 15.42 -3.32
CA ASP C 79 -21.50 16.67 -3.54
C ASP C 79 -22.83 16.79 -2.83
N LYS C 80 -23.02 15.98 -1.80
CA LYS C 80 -24.26 16.01 -1.04
C LYS C 80 -24.08 16.79 0.26
N TYR C 81 -25.10 17.54 0.64
CA TYR C 81 -25.05 18.24 1.92
C TYR C 81 -25.44 17.13 2.88
N VAL C 82 -24.61 16.92 3.87
CA VAL C 82 -24.82 15.84 4.83
C VAL C 82 -24.64 16.26 6.26
N ASP C 83 -24.89 15.30 7.15
CA ASP C 83 -24.67 15.48 8.58
C ASP C 83 -23.54 14.50 8.82
N VAL C 84 -22.55 14.93 9.59
CA VAL C 84 -21.42 14.07 9.87
C VAL C 84 -21.38 13.83 11.35
N PHE C 85 -21.24 12.58 11.74
CA PHE C 85 -21.13 12.23 13.14
C PHE C 85 -20.17 11.08 13.23
N GLY C 86 -19.14 11.22 14.06
CA GLY C 86 -18.20 10.13 14.18
C GLY C 86 -17.17 10.26 15.27
N ALA C 87 -16.65 9.10 15.68
CA ALA C 87 -15.61 9.05 16.69
C ALA C 87 -14.37 9.37 15.87
N ASN C 88 -13.66 10.43 16.25
CA ASN C 88 -12.49 10.84 15.50
C ASN C 88 -11.17 10.51 16.18
N TYR C 89 -10.08 10.59 15.43
CA TYR C 89 -8.77 10.32 15.98
C TYR C 89 -7.76 11.31 15.43
N TYR C 90 -6.58 11.38 16.06
CA TYR C 90 -5.54 12.30 15.62
C TYR C 90 -4.23 11.63 15.27
N TYR C 91 -3.90 10.57 15.98
CA TYR C 91 -2.66 9.87 15.69
C TYR C 91 -2.82 9.13 14.36
N GLN C 92 -1.87 9.34 13.46
CA GLN C 92 -1.89 8.71 12.15
C GLN C 92 -2.98 9.33 11.29
N CYS C 93 -3.43 10.53 11.65
CA CYS C 93 -4.43 11.24 10.84
C CYS C 93 -3.66 12.13 9.92
N TYR C 94 -3.75 11.83 8.63
CA TYR C 94 -3.03 12.61 7.65
C TYR C 94 -3.86 12.81 6.39
N PHE C 95 -3.74 14.00 5.81
CA PHE C 95 -4.43 14.31 4.57
C PHE C 95 -4.04 15.70 4.14
N SER C 96 -4.13 15.95 2.84
CA SER C 96 -3.78 17.25 2.28
C SER C 96 -5.04 17.89 1.74
N LYS C 97 -5.19 19.18 1.99
CA LYS C 97 -6.36 19.91 1.51
C LYS C 97 -6.00 20.57 0.18
N LYS C 98 -6.14 21.89 0.11
CA LYS C 98 -5.82 22.65 -1.11
C LYS C 98 -5.65 24.13 -0.78
N LYS C 109 -6.40 25.77 13.75
CA LYS C 109 -5.50 25.37 12.67
C LYS C 109 -4.93 23.97 12.85
N ARG C 110 -5.68 22.96 12.38
CA ARG C 110 -5.23 21.57 12.44
C ARG C 110 -6.28 20.63 11.85
N LYS C 111 -6.09 19.32 12.04
CA LYS C 111 -7.03 18.38 11.47
C LYS C 111 -7.25 17.06 12.20
N THR C 112 -8.39 16.43 11.93
CA THR C 112 -8.73 15.17 12.56
C THR C 112 -9.31 14.23 11.52
N CYS C 113 -9.40 12.96 11.88
CA CYS C 113 -9.89 11.96 10.95
C CYS C 113 -10.97 11.07 11.57
N MET C 114 -11.76 10.43 10.70
CA MET C 114 -12.82 9.55 11.15
C MET C 114 -13.23 8.70 9.96
N TYR C 115 -14.16 7.78 10.20
CA TYR C 115 -14.64 6.91 9.15
C TYR C 115 -16.16 6.97 9.09
N GLY C 116 -16.70 6.85 7.87
CA GLY C 116 -18.13 6.88 7.68
C GLY C 116 -18.77 7.99 8.47
N GLY C 117 -19.87 7.68 9.17
CA GLY C 117 -20.55 8.68 9.98
C GLY C 117 -21.28 9.75 9.18
N VAL C 118 -21.53 9.46 7.90
CA VAL C 118 -22.19 10.41 7.03
C VAL C 118 -23.58 9.98 6.57
N THR C 119 -24.53 10.90 6.70
CA THR C 119 -25.92 10.68 6.30
C THR C 119 -26.40 11.93 5.55
N GLU C 120 -27.15 11.74 4.47
CA GLU C 120 -27.64 12.90 3.72
C GLU C 120 -28.53 13.71 4.66
N HIS C 121 -28.41 15.02 4.63
CA HIS C 121 -29.21 15.85 5.53
C HIS C 121 -30.68 15.88 5.12
N ASN C 122 -30.95 16.47 3.96
CA ASN C 122 -32.31 16.61 3.48
C ASN C 122 -33.13 15.32 3.45
N GLY C 123 -34.34 15.39 3.99
CA GLY C 123 -35.23 14.24 4.01
C GLY C 123 -34.92 13.23 5.09
N ASN C 124 -33.90 13.49 5.90
CA ASN C 124 -33.52 12.55 6.95
C ASN C 124 -33.71 13.13 8.36
N GLN C 125 -34.28 14.32 8.42
CA GLN C 125 -34.49 15.00 9.70
C GLN C 125 -35.82 14.65 10.33
N LEU C 126 -35.83 14.70 11.67
CA LEU C 126 -37.03 14.45 12.47
C LEU C 126 -37.28 15.79 13.18
N ASP C 127 -38.53 16.19 13.34
CA ASP C 127 -38.80 17.47 14.00
C ASP C 127 -38.51 17.48 15.49
N LYS C 128 -38.38 16.29 16.07
CA LYS C 128 -38.06 16.15 17.49
C LYS C 128 -37.14 14.95 17.61
N TYR C 129 -36.41 14.89 18.72
CA TYR C 129 -35.50 13.78 18.93
C TYR C 129 -36.24 12.48 19.22
N ARG C 130 -35.77 11.41 18.58
CA ARG C 130 -36.34 10.09 18.76
C ARG C 130 -35.44 9.31 19.71
N SER C 131 -36.04 8.54 20.61
CA SER C 131 -35.25 7.78 21.55
C SER C 131 -35.11 6.34 21.09
N ILE C 132 -33.92 5.80 21.29
CA ILE C 132 -33.61 4.43 20.92
C ILE C 132 -33.17 3.77 22.21
N THR C 133 -33.82 2.68 22.58
CA THR C 133 -33.51 2.00 23.82
C THR C 133 -32.24 1.16 23.80
N VAL C 134 -31.45 1.31 24.84
CA VAL C 134 -30.22 0.55 24.99
C VAL C 134 -30.38 -0.24 26.29
N ARG C 135 -30.34 -1.57 26.19
CA ARG C 135 -30.44 -2.41 27.37
C ARG C 135 -29.04 -2.92 27.62
N VAL C 136 -28.51 -2.66 28.80
CA VAL C 136 -27.16 -3.09 29.13
C VAL C 136 -27.18 -4.33 30.00
N PHE C 137 -26.41 -5.33 29.59
CA PHE C 137 -26.32 -6.55 30.37
C PHE C 137 -24.90 -6.71 30.88
N GLU C 138 -24.79 -6.96 32.18
CA GLU C 138 -23.52 -7.20 32.84
C GLU C 138 -23.61 -8.64 33.32
N ASP C 139 -22.89 -9.52 32.64
CA ASP C 139 -22.93 -10.94 32.97
C ASP C 139 -24.37 -11.42 32.91
N GLY C 140 -25.05 -11.08 31.83
CA GLY C 140 -26.42 -11.51 31.63
C GLY C 140 -27.50 -10.76 32.40
N LYS C 141 -27.10 -9.83 33.27
CA LYS C 141 -28.07 -9.08 34.06
C LYS C 141 -28.27 -7.66 33.53
N ASN C 142 -29.53 -7.28 33.32
CA ASN C 142 -29.86 -5.94 32.81
C ASN C 142 -30.02 -4.97 33.97
N LEU C 143 -28.90 -4.44 34.44
CA LEU C 143 -28.90 -3.50 35.56
C LEU C 143 -29.13 -2.07 35.10
N LEU C 144 -28.90 -1.82 33.82
CA LEU C 144 -29.07 -0.48 33.26
C LEU C 144 -29.67 -0.50 31.86
N SER C 145 -30.60 0.42 31.62
CA SER C 145 -31.23 0.59 30.33
C SER C 145 -31.45 2.09 30.19
N PHE C 146 -31.16 2.60 29.02
CA PHE C 146 -31.33 4.02 28.79
C PHE C 146 -31.55 4.26 27.32
N ASP C 147 -32.08 5.41 27.00
CA ASP C 147 -32.33 5.76 25.61
C ASP C 147 -31.25 6.71 25.13
N VAL C 148 -30.95 6.61 23.84
CA VAL C 148 -30.01 7.51 23.19
C VAL C 148 -30.89 8.21 22.17
N GLN C 149 -30.58 9.46 21.88
CA GLN C 149 -31.39 10.25 20.97
C GLN C 149 -30.74 10.57 19.64
N THR C 150 -31.59 10.76 18.64
CA THR C 150 -31.19 11.14 17.30
C THR C 150 -32.38 11.80 16.64
N ASN C 151 -32.12 12.77 15.79
CA ASN C 151 -33.17 13.46 15.07
C ASN C 151 -33.02 13.08 13.60
N LYS C 152 -32.35 11.95 13.36
CA LYS C 152 -32.13 11.45 12.01
C LYS C 152 -32.98 10.20 11.76
N LYS C 153 -33.65 10.15 10.61
CA LYS C 153 -34.49 9.01 10.24
C LYS C 153 -33.57 7.80 10.09
N LYS C 154 -32.46 8.03 9.41
CA LYS C 154 -31.47 6.98 9.24
C LYS C 154 -30.22 7.52 9.89
N VAL C 155 -29.71 6.79 10.89
CA VAL C 155 -28.51 7.19 11.61
C VAL C 155 -27.47 6.10 11.44
N THR C 156 -26.22 6.49 11.48
CA THR C 156 -25.17 5.51 11.35
C THR C 156 -25.09 4.73 12.65
N ALA C 157 -24.70 3.47 12.56
CA ALA C 157 -24.55 2.65 13.75
C ALA C 157 -23.44 3.33 14.57
N GLN C 158 -22.47 3.92 13.87
CA GLN C 158 -21.37 4.58 14.55
C GLN C 158 -21.84 5.63 15.55
N GLU C 159 -22.78 6.49 15.13
CA GLU C 159 -23.29 7.53 16.02
C GLU C 159 -23.94 6.92 17.25
N LEU C 160 -24.82 5.96 17.05
CA LEU C 160 -25.51 5.31 18.16
C LEU C 160 -24.50 4.61 19.05
N ASP C 161 -23.53 3.95 18.43
CA ASP C 161 -22.48 3.22 19.16
C ASP C 161 -21.75 4.24 20.03
N TYR C 162 -21.33 5.34 19.42
CA TYR C 162 -20.62 6.37 20.15
C TYR C 162 -21.46 6.90 21.32
N LEU C 163 -22.72 7.26 21.06
CA LEU C 163 -23.57 7.78 22.12
C LEU C 163 -23.76 6.75 23.24
N THR C 164 -23.92 5.48 22.85
CA THR C 164 -24.10 4.42 23.82
C THR C 164 -22.85 4.22 24.67
N ARG C 165 -21.71 4.06 24.03
CA ARG C 165 -20.47 3.86 24.76
C ARG C 165 -20.07 5.04 25.61
N HIS C 166 -20.31 6.25 25.11
CA HIS C 166 -19.92 7.41 25.90
C HIS C 166 -20.69 7.48 27.20
N TYR C 167 -21.97 7.12 27.15
CA TYR C 167 -22.80 7.13 28.35
C TYR C 167 -22.28 6.05 29.29
N LEU C 168 -21.88 4.92 28.71
CA LEU C 168 -21.34 3.82 29.49
C LEU C 168 -19.98 4.14 30.10
N VAL C 169 -19.20 4.97 29.43
CA VAL C 169 -17.89 5.33 29.97
C VAL C 169 -18.10 6.16 31.24
N LYS C 170 -19.00 7.13 31.15
CA LYS C 170 -19.29 7.98 32.31
C LYS C 170 -19.95 7.22 33.45
N ASN C 171 -20.97 6.45 33.09
CA ASN C 171 -21.76 5.73 34.06
C ASN C 171 -21.34 4.34 34.50
N LYS C 172 -20.64 3.61 33.64
CA LYS C 172 -20.21 2.25 33.99
C LYS C 172 -18.70 2.07 33.90
N LYS C 173 -17.98 3.16 33.69
CA LYS C 173 -16.52 3.10 33.58
C LYS C 173 -16.13 2.05 32.55
N LEU C 174 -16.91 1.98 31.47
CA LEU C 174 -16.67 1.03 30.39
C LEU C 174 -15.19 0.94 30.07
N TYR C 175 -14.57 2.10 29.90
CA TYR C 175 -13.14 2.17 29.61
C TYR C 175 -12.53 3.08 30.64
N GLU C 176 -11.40 2.66 31.19
CA GLU C 176 -10.70 3.46 32.18
C GLU C 176 -9.29 3.73 31.66
N PHE C 177 -8.48 4.42 32.45
CA PHE C 177 -7.14 4.75 32.02
C PHE C 177 -6.26 3.55 31.64
N ASN C 178 -6.18 2.58 32.55
CA ASN C 178 -5.36 1.40 32.29
C ASN C 178 -6.08 0.29 31.54
N ASN C 179 -7.19 -0.18 32.10
CA ASN C 179 -7.94 -1.25 31.47
C ASN C 179 -9.44 -1.01 31.70
N SER C 180 -10.22 -2.09 31.76
CA SER C 180 -11.65 -1.97 31.96
C SER C 180 -12.18 -2.94 33.00
N PRO C 181 -13.26 -2.57 33.71
CA PRO C 181 -13.80 -3.48 34.72
C PRO C 181 -14.51 -4.63 34.00
N TYR C 182 -14.63 -4.53 32.68
CA TYR C 182 -15.28 -5.56 31.89
C TYR C 182 -14.28 -6.35 31.07
N GLU C 183 -14.43 -7.68 31.07
CA GLU C 183 -13.53 -8.54 30.31
C GLU C 183 -13.88 -8.51 28.82
N THR C 184 -15.16 -8.73 28.51
CA THR C 184 -15.60 -8.68 27.13
C THR C 184 -16.75 -7.70 27.01
N GLY C 185 -17.05 -7.31 25.78
CA GLY C 185 -18.13 -6.38 25.56
C GLY C 185 -18.43 -6.22 24.09
N TYR C 186 -19.70 -6.34 23.73
CA TYR C 186 -20.09 -6.15 22.34
C TYR C 186 -21.42 -5.44 22.33
N ILE C 187 -21.60 -4.58 21.33
CA ILE C 187 -22.83 -3.83 21.19
C ILE C 187 -23.58 -4.42 20.00
N LYS C 188 -24.83 -4.81 20.24
CA LYS C 188 -25.65 -5.41 19.21
C LYS C 188 -26.79 -4.49 18.77
N PHE C 189 -26.91 -4.30 17.46
CA PHE C 189 -27.96 -3.45 16.93
C PHE C 189 -29.02 -4.37 16.33
N ILE C 190 -30.24 -4.22 16.81
CA ILE C 190 -31.34 -5.04 16.34
C ILE C 190 -32.40 -4.21 15.63
N GLU C 191 -32.76 -4.62 14.43
CA GLU C 191 -33.78 -3.94 13.65
C GLU C 191 -34.57 -4.96 12.85
N ASN C 192 -35.83 -5.15 13.22
CA ASN C 192 -36.70 -6.10 12.53
C ASN C 192 -36.11 -7.51 12.44
N GLU C 193 -35.94 -8.16 13.58
CA GLU C 193 -35.42 -9.51 13.61
C GLU C 193 -34.09 -9.66 12.88
N ASN C 194 -33.41 -8.55 12.64
CA ASN C 194 -32.11 -8.58 11.97
C ASN C 194 -31.13 -7.84 12.87
N SER C 195 -29.92 -8.38 13.00
CA SER C 195 -28.94 -7.76 13.85
C SER C 195 -27.49 -7.88 13.37
N PHE C 196 -26.63 -7.11 14.02
CA PHE C 196 -25.21 -7.09 13.74
C PHE C 196 -24.59 -6.47 14.98
N TRP C 197 -23.33 -6.80 15.26
CA TRP C 197 -22.67 -6.29 16.44
C TRP C 197 -21.23 -5.92 16.20
N TYR C 198 -20.68 -5.17 17.16
CA TYR C 198 -19.30 -4.71 17.11
C TYR C 198 -18.62 -5.12 18.41
N ASP C 199 -17.36 -5.50 18.31
CA ASP C 199 -16.59 -5.88 19.49
C ASP C 199 -16.13 -4.58 20.13
N MET C 200 -16.51 -4.37 21.38
CA MET C 200 -16.19 -3.17 22.11
C MET C 200 -14.80 -3.11 22.72
N MET C 201 -14.11 -4.23 22.77
CA MET C 201 -12.77 -4.29 23.38
C MET C 201 -11.61 -4.26 22.39
N PRO C 202 -10.46 -3.69 22.82
CA PRO C 202 -9.25 -3.57 22.02
C PRO C 202 -8.71 -4.94 21.66
N ALA C 203 -7.97 -5.01 20.56
CA ALA C 203 -7.37 -6.28 20.13
C ALA C 203 -6.32 -6.64 21.17
N PRO C 204 -5.95 -7.93 21.24
CA PRO C 204 -4.94 -8.31 22.24
C PRO C 204 -3.59 -7.67 21.94
N GLY C 205 -2.76 -7.50 22.97
CA GLY C 205 -1.46 -6.89 22.75
C GLY C 205 -1.18 -5.68 23.61
N ASP C 206 0.00 -5.10 23.43
CA ASP C 206 0.38 -3.94 24.22
C ASP C 206 0.09 -2.61 23.53
N LYS C 207 -0.47 -2.66 22.32
CA LYS C 207 -0.79 -1.43 21.60
C LYS C 207 -2.21 -1.43 21.06
N PHE C 208 -2.81 -0.25 21.00
CA PHE C 208 -4.16 -0.12 20.47
C PHE C 208 -4.11 0.86 19.30
N ASP C 209 -4.54 0.40 18.14
CA ASP C 209 -4.55 1.22 16.94
C ASP C 209 -5.92 1.86 16.80
N GLN C 210 -6.03 3.11 17.23
CA GLN C 210 -7.30 3.83 17.15
C GLN C 210 -7.84 3.88 15.74
N SER C 211 -7.02 4.32 14.79
CA SER C 211 -7.44 4.42 13.39
C SER C 211 -7.95 3.11 12.84
N LYS C 212 -7.23 2.03 13.10
CA LYS C 212 -7.64 0.73 12.60
C LYS C 212 -8.90 0.21 13.28
N TYR C 213 -9.08 0.53 14.56
CA TYR C 213 -10.28 0.09 15.25
C TYR C 213 -11.49 0.82 14.68
N LEU C 214 -11.38 2.13 14.58
CA LEU C 214 -12.44 2.98 14.05
C LEU C 214 -12.74 2.71 12.59
N MET C 215 -11.85 2.01 11.91
CA MET C 215 -12.04 1.69 10.50
C MET C 215 -13.29 0.84 10.30
N MET C 216 -13.73 0.17 11.37
CA MET C 216 -14.92 -0.68 11.33
C MET C 216 -16.15 0.15 10.94
N TYR C 217 -16.07 1.46 11.15
CA TYR C 217 -17.19 2.34 10.82
C TYR C 217 -17.15 2.85 9.38
N ASN C 218 -16.13 2.46 8.61
CA ASN C 218 -16.01 2.96 7.24
C ASN C 218 -17.03 2.44 6.24
N ASP C 219 -17.89 1.51 6.66
CA ASP C 219 -18.92 1.01 5.76
C ASP C 219 -20.12 1.96 5.80
N ASN C 220 -20.03 2.97 6.65
CA ASN C 220 -21.08 3.96 6.79
C ASN C 220 -22.43 3.27 7.06
N LYS C 221 -22.38 2.15 7.77
CA LYS C 221 -23.60 1.41 8.05
C LYS C 221 -24.62 2.26 8.82
N MET C 222 -25.86 2.21 8.35
CA MET C 222 -26.94 2.97 8.95
C MET C 222 -28.05 2.04 9.40
N VAL C 223 -28.90 2.56 10.26
CA VAL C 223 -30.04 1.80 10.76
C VAL C 223 -31.21 2.78 10.81
N ASP C 224 -32.43 2.26 10.80
CA ASP C 224 -33.59 3.11 10.86
C ASP C 224 -33.84 3.43 12.33
N SER C 225 -33.72 4.71 12.69
CA SER C 225 -33.89 5.12 14.07
C SER C 225 -35.23 4.69 14.64
N LYS C 226 -36.23 4.57 13.78
CA LYS C 226 -37.57 4.19 14.23
C LYS C 226 -37.68 2.75 14.71
N ASP C 227 -36.92 1.85 14.07
CA ASP C 227 -37.00 0.44 14.40
C ASP C 227 -35.80 -0.20 15.10
N VAL C 228 -34.72 0.54 15.27
CA VAL C 228 -33.55 -0.04 15.90
C VAL C 228 -33.65 -0.11 17.42
N LYS C 229 -33.02 -1.14 17.96
CA LYS C 229 -32.97 -1.39 19.41
C LYS C 229 -31.51 -1.71 19.65
N ILE C 230 -30.99 -1.32 20.81
CA ILE C 230 -29.60 -1.60 21.11
C ILE C 230 -29.44 -2.44 22.36
N GLU C 231 -28.53 -3.40 22.30
CA GLU C 231 -28.25 -4.26 23.43
C GLU C 231 -26.76 -4.33 23.61
N VAL C 232 -26.31 -4.08 24.83
CA VAL C 232 -24.89 -4.13 25.14
C VAL C 232 -24.65 -5.28 26.10
N TYR C 233 -23.77 -6.19 25.70
CA TYR C 233 -23.46 -7.31 26.56
C TYR C 233 -22.05 -7.19 27.07
N LEU C 234 -21.91 -7.06 28.38
CA LEU C 234 -20.62 -6.93 29.02
C LEU C 234 -20.42 -8.08 30.00
N THR C 235 -19.18 -8.52 30.14
CA THR C 235 -18.84 -9.58 31.09
C THR C 235 -17.87 -8.95 32.08
N THR C 236 -18.10 -9.15 33.37
CA THR C 236 -17.24 -8.59 34.40
C THR C 236 -16.01 -9.45 34.61
N LYS C 237 -14.98 -8.86 35.21
CA LYS C 237 -13.74 -9.58 35.47
C LYS C 237 -13.63 -9.93 36.95
N ARG D 3 12.06 2.42 9.10
CA ARG D 3 11.76 3.79 9.33
C ARG D 3 11.55 4.49 7.99
N ALA D 4 10.48 5.28 7.97
CA ALA D 4 10.10 6.07 6.83
C ALA D 4 10.79 7.39 6.97
N SER D 6 8.64 13.42 3.91
CA SER D 6 8.57 14.20 2.68
C SER D 6 8.30 15.62 3.16
N LEU D 7 9.14 16.51 2.68
CA LEU D 7 9.04 17.90 3.03
C LEU D 7 8.01 18.50 2.10
#